data_7K2Q
#
_entry.id   7K2Q
#
_cell.length_a   162.150
_cell.length_b   68.750
_cell.length_c   77.595
_cell.angle_alpha   90.000
_cell.angle_beta   117.430
_cell.angle_gamma   90.000
#
_symmetry.space_group_name_H-M   'C 1 2 1'
#
loop_
_entity.id
_entity.type
_entity.pdbx_description
1 polymer 'Kelch-like ECH-associated protein 1'
2 polymer ACA-ASP-PRO-GLU-THR-GLY-GLU
3 water water
#
loop_
_entity_poly.entity_id
_entity_poly.type
_entity_poly.pdbx_seq_one_letter_code
_entity_poly.pdbx_strand_id
1 'polypeptide(L)'
;GRLIYTAGGYFRQSLSYLEAYNPSDGTWLRLADLQVPRSGLAGCVVGGLLYAVGGRNNSPDGNTDSSALDCYNPMTNQWS
PCAPMSVPRNRIGVGVIDGHIYAVGGSHGCIHHNSVERYEPERDEWHLVAPMLTRRIGVGVAVLNRLLYAVGGFDGTNRL
NSAECYYPERNEWRMITAMNTIRSGAGVCVLHNCIYAAGGYDGQDQLNSVERYDVATATWTFVAPMKHRRSALGITVHQG
RIYVLGGYDGHTFLDSVECYDPDTDTWSEVTRMTSGRSGVGVAVTMEPSR
;
A,B
2 'polypeptide(L)' (ACA)DPETGE P
#
# COMPACT_ATOMS: atom_id res chain seq x y z
N LEU A 3 1.07 35.63 1.51
CA LEU A 3 2.43 35.10 1.52
C LEU A 3 2.50 33.62 1.88
N ILE A 4 3.51 32.95 1.35
CA ILE A 4 3.75 31.54 1.63
C ILE A 4 4.67 31.48 2.85
N TYR A 5 4.16 31.01 3.98
CA TYR A 5 4.93 30.91 5.20
C TYR A 5 5.47 29.50 5.35
N THR A 6 6.75 29.41 5.71
CA THR A 6 7.43 28.16 6.02
C THR A 6 7.98 28.25 7.45
N ALA A 7 7.63 27.26 8.26
CA ALA A 7 8.01 27.22 9.67
C ALA A 7 8.74 25.93 9.97
N GLY A 8 9.82 26.06 10.73
CA GLY A 8 10.55 24.88 11.15
C GLY A 8 11.36 24.27 10.02
N GLY A 9 11.58 22.98 10.14
CA GLY A 9 12.34 22.24 9.15
C GLY A 9 13.58 21.63 9.76
N TYR A 10 14.35 20.96 8.92
CA TYR A 10 15.52 20.23 9.39
C TYR A 10 16.69 20.44 8.46
N PHE A 11 17.86 20.72 9.02
CA PHE A 11 19.08 20.95 8.23
C PHE A 11 20.26 20.66 9.13
N ARG A 12 20.40 19.37 9.46
CA ARG A 12 21.40 18.72 10.37
C ARG A 12 21.05 18.87 11.86
N GLN A 13 19.89 19.48 12.12
CA GLN A 13 19.27 19.78 13.40
C GLN A 13 17.96 20.51 13.07
N SER A 14 17.01 20.48 14.00
CA SER A 14 15.74 21.16 13.80
C SER A 14 15.94 22.67 13.79
N LEU A 15 15.05 23.37 13.08
CA LEU A 15 15.19 24.79 12.85
C LEU A 15 14.03 25.53 13.49
N SER A 16 14.23 26.82 13.72
CA SER A 16 13.22 27.71 14.29
C SER A 16 12.73 28.74 13.30
N TYR A 17 13.24 28.71 12.07
CA TYR A 17 12.90 29.71 11.07
C TYR A 17 11.40 29.82 10.87
N LEU A 18 10.93 31.06 10.72
CA LEU A 18 9.64 31.34 10.14
C LEU A 18 9.91 32.38 9.07
N GLU A 19 9.78 31.97 7.81
CA GLU A 19 10.06 32.86 6.69
C GLU A 19 8.84 32.85 5.77
N ALA A 20 8.67 33.96 5.05
CA ALA A 20 7.47 34.17 4.25
C ALA A 20 7.88 34.63 2.87
N TYR A 21 7.47 33.90 1.86
CA TYR A 21 7.81 34.17 0.48
C TYR A 21 6.69 34.94 -0.19
N ASN A 22 7.09 35.87 -1.05
CA ASN A 22 6.17 36.69 -1.84
C ASN A 22 6.39 36.34 -3.30
N PRO A 23 5.43 35.69 -3.96
CA PRO A 23 5.67 35.27 -5.35
C PRO A 23 5.72 36.41 -6.33
N SER A 24 5.09 37.54 -6.01
CA SER A 24 5.31 38.76 -6.79
C SER A 24 6.69 39.35 -6.53
N ASP A 25 7.00 39.58 -5.26
CA ASP A 25 8.26 40.25 -4.86
C ASP A 25 9.47 39.37 -5.10
N GLY A 26 9.30 38.06 -5.00
CA GLY A 26 10.42 37.15 -4.88
C GLY A 26 11.18 37.21 -3.57
N THR A 27 10.74 38.02 -2.61
CA THR A 27 11.48 38.16 -1.36
C THR A 27 11.10 37.08 -0.36
N TRP A 28 12.01 36.82 0.56
CA TRP A 28 11.76 36.01 1.74
C TRP A 28 11.84 36.97 2.92
N LEU A 29 10.81 36.95 3.75
CA LEU A 29 10.70 37.80 4.92
C LEU A 29 11.01 36.97 6.15
N ARG A 30 11.95 37.45 6.97
CA ARG A 30 12.30 36.76 8.19
C ARG A 30 11.43 37.29 9.32
N LEU A 31 10.73 36.40 9.99
CA LEU A 31 9.75 36.75 11.01
C LEU A 31 10.17 36.14 12.33
N ALA A 32 9.25 36.14 13.29
CA ALA A 32 9.60 35.69 14.63
C ALA A 32 9.94 34.20 14.62
N ASP A 33 11.05 33.86 15.28
CA ASP A 33 11.44 32.47 15.41
C ASP A 33 10.36 31.70 16.17
N LEU A 34 10.20 30.43 15.80
CA LEU A 34 9.43 29.52 16.63
C LEU A 34 9.99 29.49 18.04
N GLN A 35 9.11 29.25 19.01
CA GLN A 35 9.56 29.16 20.40
C GLN A 35 10.50 27.97 20.59
N VAL A 36 10.21 26.86 19.92
CA VAL A 36 11.05 25.67 19.98
C VAL A 36 11.41 25.21 18.57
N PRO A 37 12.68 24.94 18.26
CA PRO A 37 13.02 24.40 16.95
C PRO A 37 12.28 23.10 16.71
N ARG A 38 11.77 22.92 15.49
CA ARG A 38 10.95 21.76 15.19
C ARG A 38 11.08 21.37 13.72
N SER A 39 11.17 20.08 13.48
CA SER A 39 11.08 19.49 12.16
C SER A 39 10.00 18.42 12.20
N GLY A 40 9.54 18.02 11.01
CA GLY A 40 8.47 17.04 10.93
C GLY A 40 7.13 17.57 11.37
N LEU A 41 6.97 18.90 11.42
CA LEU A 41 5.73 19.52 11.83
C LEU A 41 4.86 19.81 10.61
N ALA A 42 3.66 20.26 10.88
CA ALA A 42 2.76 20.72 9.83
C ALA A 42 2.31 22.13 10.16
N GLY A 43 1.87 22.84 9.13
CA GLY A 43 1.36 24.19 9.30
C GLY A 43 -0.02 24.30 8.67
N CYS A 44 -0.82 25.21 9.20
CA CYS A 44 -2.12 25.48 8.61
C CYS A 44 -2.57 26.87 9.01
N VAL A 45 -3.75 27.27 8.53
CA VAL A 45 -4.26 28.60 8.81
C VAL A 45 -5.74 28.48 9.14
N VAL A 46 -6.14 29.12 10.24
CA VAL A 46 -7.55 29.24 10.59
C VAL A 46 -7.78 30.67 11.06
N GLY A 47 -8.83 31.30 10.56
CA GLY A 47 -9.08 32.70 10.92
C GLY A 47 -7.89 33.61 10.72
N GLY A 48 -7.10 33.37 9.68
CA GLY A 48 -5.95 34.20 9.42
C GLY A 48 -4.76 33.94 10.30
N LEU A 49 -4.85 33.01 11.24
CA LEU A 49 -3.74 32.71 12.14
C LEU A 49 -3.03 31.44 11.70
N LEU A 50 -1.70 31.42 11.86
CA LEU A 50 -0.85 30.38 11.32
C LEU A 50 -0.48 29.40 12.43
N TYR A 51 -0.93 28.17 12.33
CA TYR A 51 -0.69 27.17 13.35
C TYR A 51 0.47 26.26 12.94
N ALA A 52 1.38 26.03 13.89
CA ALA A 52 2.45 25.04 13.79
C ALA A 52 2.11 23.88 14.71
N VAL A 53 2.11 22.66 14.16
CA VAL A 53 1.54 21.50 14.83
C VAL A 53 2.54 20.35 14.81
N GLY A 54 2.77 19.76 15.98
CA GLY A 54 3.58 18.56 16.10
C GLY A 54 5.03 18.77 15.73
N GLY A 55 5.65 17.69 15.28
CA GLY A 55 7.05 17.71 14.89
C GLY A 55 7.97 17.09 15.93
N ARG A 56 9.22 17.53 15.89
CA ARG A 56 10.23 16.98 16.78
C ARG A 56 11.39 17.96 16.89
N ASN A 57 11.95 18.07 18.09
CA ASN A 57 13.13 18.88 18.35
C ASN A 57 14.36 17.97 18.32
N ASN A 58 15.11 18.05 17.21
CA ASN A 58 16.39 17.38 17.05
C ASN A 58 17.50 18.39 17.37
N SER A 59 18.11 18.25 18.53
CA SER A 59 19.05 19.21 19.07
C SER A 59 20.34 18.49 19.44
N PRO A 60 21.48 19.17 19.32
CA PRO A 60 22.75 18.58 19.79
C PRO A 60 22.72 18.17 21.26
N ASP A 61 21.63 18.52 21.97
CA ASP A 61 21.49 18.20 23.38
C ASP A 61 20.24 17.40 23.70
N GLY A 62 19.51 16.91 22.68
CA GLY A 62 18.33 16.11 22.94
C GLY A 62 17.59 15.82 21.66
N ASN A 63 16.56 14.97 21.78
CA ASN A 63 15.80 14.58 20.59
C ASN A 63 14.40 14.14 21.02
N THR A 64 13.50 15.13 21.18
CA THR A 64 12.18 14.87 21.73
C THR A 64 11.08 15.17 20.71
N ASP A 65 10.15 14.22 20.54
CA ASP A 65 8.97 14.48 19.72
C ASP A 65 8.07 15.52 20.40
N SER A 66 7.29 16.23 19.59
CA SER A 66 6.50 17.38 20.04
C SER A 66 5.01 17.13 19.89
N SER A 67 4.25 17.38 20.96
CA SER A 67 2.80 17.50 20.91
C SER A 67 2.31 18.93 20.78
N ALA A 68 3.21 19.89 20.59
CA ALA A 68 2.84 21.28 20.78
C ALA A 68 2.02 21.81 19.61
N LEU A 69 1.12 22.73 19.94
CA LEU A 69 0.39 23.54 18.98
C LEU A 69 0.70 24.99 19.27
N ASP A 70 1.19 25.72 18.29
CA ASP A 70 1.56 27.12 18.49
C ASP A 70 0.98 27.97 17.37
N CYS A 71 0.63 29.21 17.70
CA CYS A 71 -0.16 30.10 16.86
C CYS A 71 0.64 31.36 16.59
N TYR A 72 0.77 31.72 15.32
CA TYR A 72 1.48 32.92 14.91
C TYR A 72 0.49 33.91 14.33
N ASN A 73 0.60 35.18 14.78
CA ASN A 73 -0.24 36.27 14.31
C ASN A 73 0.62 37.20 13.49
N PRO A 74 0.30 37.38 12.20
CA PRO A 74 1.07 38.27 11.34
C PRO A 74 0.84 39.74 11.65
N MET A 75 -0.22 40.11 12.35
CA MET A 75 -0.43 41.52 12.65
C MET A 75 0.39 41.94 13.85
N THR A 76 0.71 41.01 14.74
CA THR A 76 1.63 41.25 15.83
C THR A 76 3.00 40.64 15.58
N ASN A 77 3.18 39.90 14.50
CA ASN A 77 4.40 39.14 14.27
C ASN A 77 4.81 38.42 15.55
N GLN A 78 3.86 37.71 16.14
CA GLN A 78 4.19 37.03 17.39
C GLN A 78 3.60 35.64 17.46
N TRP A 79 4.33 34.76 18.17
CA TRP A 79 3.92 33.40 18.49
C TRP A 79 3.29 33.38 19.88
N SER A 80 2.33 32.47 20.04
CA SER A 80 1.61 32.27 21.26
C SER A 80 1.28 30.79 21.34
N PRO A 81 1.53 30.13 22.47
CA PRO A 81 1.23 28.71 22.57
C PRO A 81 -0.25 28.44 22.71
N CYS A 82 -0.69 27.33 22.13
CA CYS A 82 -2.02 26.80 22.34
C CYS A 82 -1.93 25.48 23.12
N ALA A 83 -3.08 24.93 23.46
CA ALA A 83 -3.10 23.66 24.17
C ALA A 83 -2.49 22.58 23.29
N PRO A 84 -1.72 21.67 23.86
CA PRO A 84 -1.06 20.62 23.07
C PRO A 84 -1.98 19.44 22.79
N MET A 85 -1.56 18.62 21.83
CA MET A 85 -2.28 17.41 21.51
C MET A 85 -2.12 16.38 22.62
N SER A 86 -2.91 15.31 22.55
CA SER A 86 -2.82 14.26 23.56
C SER A 86 -1.46 13.56 23.54
N VAL A 87 -0.86 13.43 22.36
CA VAL A 87 0.41 12.73 22.23
C VAL A 87 1.33 13.54 21.32
N PRO A 88 2.64 13.36 21.44
CA PRO A 88 3.55 13.93 20.45
C PRO A 88 3.35 13.25 19.10
N ARG A 89 3.50 14.04 18.04
CA ARG A 89 3.25 13.53 16.68
C ARG A 89 4.33 14.10 15.76
N ASN A 90 5.39 13.32 15.57
CA ASN A 90 6.42 13.66 14.61
C ASN A 90 6.02 13.19 13.22
N ARG A 91 6.32 14.01 12.20
CA ARG A 91 5.93 13.75 10.82
C ARG A 91 4.43 13.56 10.73
N ILE A 92 3.73 14.62 11.12
CA ILE A 92 2.29 14.64 11.26
C ILE A 92 1.66 15.08 9.95
N GLY A 93 0.37 14.78 9.79
CA GLY A 93 -0.45 15.41 8.76
C GLY A 93 -1.57 16.17 9.44
N VAL A 94 -1.98 17.29 8.84
CA VAL A 94 -3.10 18.04 9.40
C VAL A 94 -4.02 18.52 8.28
N GLY A 95 -5.28 18.69 8.63
CA GLY A 95 -6.25 19.27 7.73
C GLY A 95 -7.21 20.16 8.50
N VAL A 96 -7.90 21.03 7.78
CA VAL A 96 -8.82 21.98 8.41
C VAL A 96 -10.23 21.72 7.89
N ILE A 97 -11.15 21.43 8.80
CA ILE A 97 -12.57 21.27 8.47
C ILE A 97 -13.39 22.16 9.40
N ASP A 98 -14.16 23.08 8.81
CA ASP A 98 -15.08 23.93 9.58
C ASP A 98 -14.34 24.74 10.64
N GLY A 99 -13.14 25.22 10.30
CA GLY A 99 -12.36 25.95 11.27
C GLY A 99 -11.84 25.12 12.43
N HIS A 100 -11.81 23.80 12.28
CA HIS A 100 -11.23 22.90 13.27
C HIS A 100 -10.01 22.21 12.66
N ILE A 101 -8.99 21.99 13.50
CA ILE A 101 -7.73 21.43 13.03
C ILE A 101 -7.71 19.94 13.35
N TYR A 102 -7.54 19.11 12.34
CA TYR A 102 -7.39 17.68 12.50
C TYR A 102 -5.92 17.32 12.41
N ALA A 103 -5.42 16.72 13.48
CA ALA A 103 -4.06 16.18 13.56
C ALA A 103 -4.13 14.68 13.36
N VAL A 104 -3.33 14.17 12.42
CA VAL A 104 -3.48 12.85 11.83
C VAL A 104 -2.14 12.14 11.88
N GLY A 105 -2.10 11.01 12.57
CA GLY A 105 -0.98 10.09 12.47
C GLY A 105 0.24 10.61 13.20
N GLY A 106 1.39 10.48 12.56
CA GLY A 106 2.65 10.85 13.15
C GLY A 106 3.21 9.73 14.02
N SER A 107 4.44 9.95 14.48
CA SER A 107 5.13 9.01 15.35
C SER A 107 5.47 9.67 16.68
N HIS A 108 5.59 8.83 17.71
CA HIS A 108 6.14 9.21 19.02
C HIS A 108 7.16 8.13 19.36
N GLY A 109 8.43 8.41 19.10
CA GLY A 109 9.40 7.36 19.34
C GLY A 109 9.13 6.19 18.42
N CYS A 110 9.03 4.99 19.00
CA CYS A 110 8.68 3.80 18.25
C CYS A 110 7.18 3.69 17.94
N ILE A 111 6.34 4.51 18.54
CA ILE A 111 4.90 4.38 18.37
C ILE A 111 4.48 5.07 17.07
N HIS A 112 3.86 4.32 16.17
CA HIS A 112 3.31 4.86 14.93
C HIS A 112 1.79 5.02 15.10
N HIS A 113 1.33 6.26 15.14
CA HIS A 113 -0.07 6.51 15.49
C HIS A 113 -1.01 6.17 14.34
N ASN A 114 -2.15 5.59 14.69
CA ASN A 114 -3.36 5.72 13.89
C ASN A 114 -4.34 6.69 14.51
N SER A 115 -4.06 7.17 15.73
CA SER A 115 -4.95 8.11 16.39
C SER A 115 -5.05 9.40 15.59
N VAL A 116 -6.21 10.04 15.71
CA VAL A 116 -6.49 11.33 15.10
C VAL A 116 -7.19 12.16 16.16
N GLU A 117 -6.87 13.45 16.21
CA GLU A 117 -7.59 14.31 17.15
C GLU A 117 -7.89 15.66 16.51
N ARG A 118 -8.87 16.34 17.09
CA ARG A 118 -9.45 17.54 16.53
C ARG A 118 -9.31 18.68 17.54
N TYR A 119 -8.94 19.86 17.05
CA TYR A 119 -8.68 21.01 17.88
C TYR A 119 -9.68 22.10 17.51
N GLU A 120 -10.30 22.68 18.53
CA GLU A 120 -11.27 23.76 18.39
C GLU A 120 -10.63 25.08 18.77
N PRO A 121 -10.30 25.94 17.81
CA PRO A 121 -9.60 27.20 18.14
C PRO A 121 -10.35 28.12 19.08
N GLU A 122 -11.67 27.97 19.21
CA GLU A 122 -12.43 28.91 20.02
C GLU A 122 -12.70 28.40 21.43
N ARG A 123 -12.15 27.23 21.78
CA ARG A 123 -12.13 26.79 23.16
C ARG A 123 -10.75 26.31 23.58
N ASP A 124 -9.75 26.42 22.71
CA ASP A 124 -8.42 25.87 22.96
C ASP A 124 -8.49 24.48 23.57
N GLU A 125 -9.18 23.56 22.89
CA GLU A 125 -9.31 22.18 23.32
C GLU A 125 -9.08 21.19 22.18
N TRP A 126 -8.49 20.06 22.53
CA TRP A 126 -8.36 18.90 21.67
C TRP A 126 -9.28 17.79 22.14
N HIS A 127 -9.77 17.01 21.19
CA HIS A 127 -10.56 15.83 21.49
C HIS A 127 -10.22 14.75 20.48
N LEU A 128 -10.06 13.52 20.96
CA LEU A 128 -9.72 12.42 20.08
C LEU A 128 -10.95 12.03 19.26
N VAL A 129 -10.70 11.74 17.99
CA VAL A 129 -11.76 11.28 17.09
C VAL A 129 -11.48 9.81 16.79
N ALA A 130 -12.18 9.25 15.81
CA ALA A 130 -11.94 7.86 15.47
C ALA A 130 -10.55 7.69 14.87
N PRO A 131 -9.84 6.63 15.23
CA PRO A 131 -8.51 6.39 14.64
C PRO A 131 -8.62 5.92 13.20
N MET A 132 -7.56 6.18 12.45
CA MET A 132 -7.43 5.67 11.09
C MET A 132 -7.42 4.15 11.08
N LEU A 133 -7.75 3.59 9.92
CA LEU A 133 -7.60 2.16 9.72
C LEU A 133 -6.14 1.74 9.70
N THR A 134 -5.24 2.67 9.45
CA THR A 134 -3.83 2.40 9.27
C THR A 134 -3.00 3.28 10.17
N ARG A 135 -1.90 2.74 10.68
CA ARG A 135 -0.89 3.58 11.31
C ARG A 135 -0.09 4.28 10.22
N ARG A 136 0.01 5.60 10.31
CA ARG A 136 0.60 6.40 9.24
C ARG A 136 1.47 7.49 9.84
N ILE A 137 2.77 7.42 9.61
CA ILE A 137 3.63 8.58 9.80
C ILE A 137 4.16 9.00 8.43
N GLY A 138 4.55 10.27 8.33
CA GLY A 138 4.85 10.82 7.02
C GLY A 138 3.64 10.84 6.12
N VAL A 139 2.46 11.02 6.70
CA VAL A 139 1.19 10.95 5.99
C VAL A 139 0.85 12.31 5.40
N GLY A 140 0.34 12.31 4.17
CA GLY A 140 -0.18 13.51 3.57
C GLY A 140 -1.67 13.63 3.87
N VAL A 141 -2.12 14.84 4.16
CA VAL A 141 -3.50 15.08 4.57
C VAL A 141 -4.08 16.20 3.73
N ALA A 142 -5.32 16.01 3.28
CA ALA A 142 -5.99 17.02 2.45
C ALA A 142 -7.48 17.03 2.75
N VAL A 143 -8.11 18.16 2.52
CA VAL A 143 -9.54 18.30 2.77
C VAL A 143 -10.24 18.61 1.48
N LEU A 144 -11.28 17.84 1.18
CA LEU A 144 -12.03 18.03 -0.06
C LEU A 144 -13.49 17.82 0.24
N ASN A 145 -14.31 18.80 -0.14
CA ASN A 145 -15.73 18.85 0.22
C ASN A 145 -15.97 18.48 1.68
N ARG A 146 -15.20 19.14 2.56
CA ARG A 146 -15.26 18.93 4.00
C ARG A 146 -15.18 17.46 4.38
N LEU A 147 -14.36 16.71 3.66
CA LEU A 147 -13.96 15.37 4.08
C LEU A 147 -12.45 15.34 4.20
N LEU A 148 -11.96 14.53 5.16
CA LEU A 148 -10.53 14.50 5.45
C LEU A 148 -9.90 13.29 4.78
N TYR A 149 -8.76 13.49 4.11
CA TYR A 149 -8.10 12.42 3.38
C TYR A 149 -6.69 12.23 3.94
N ALA A 150 -6.40 11.02 4.38
CA ALA A 150 -5.05 10.61 4.75
C ALA A 150 -4.49 9.73 3.65
N VAL A 151 -3.28 10.06 3.18
CA VAL A 151 -2.73 9.55 1.93
C VAL A 151 -1.29 9.14 2.17
N GLY A 152 -0.95 7.90 1.81
CA GLY A 152 0.41 7.43 1.92
C GLY A 152 0.88 7.31 3.37
N GLY A 153 2.19 7.34 3.54
CA GLY A 153 2.79 7.26 4.86
C GLY A 153 3.63 6.02 5.09
N PHE A 154 3.86 5.71 6.37
CA PHE A 154 4.73 4.62 6.80
C PHE A 154 4.13 4.06 8.09
N ASP A 155 3.87 2.75 8.12
CA ASP A 155 3.19 2.17 9.27
C ASP A 155 4.16 1.60 10.29
N GLY A 156 5.46 1.72 10.03
CA GLY A 156 6.49 1.18 10.88
C GLY A 156 7.21 0.00 10.26
N THR A 157 6.60 -0.63 9.26
CA THR A 157 7.18 -1.79 8.59
C THR A 157 7.15 -1.57 7.09
N ASN A 158 6.00 -1.14 6.57
CA ASN A 158 5.82 -0.92 5.15
C ASN A 158 5.47 0.53 4.88
N ARG A 159 5.91 1.03 3.73
CA ARG A 159 5.43 2.29 3.20
C ARG A 159 4.20 2.04 2.33
N LEU A 160 3.33 3.06 2.25
CA LEU A 160 1.96 2.87 1.83
C LEU A 160 1.63 3.70 0.59
N ASN A 161 0.85 3.10 -0.31
CA ASN A 161 0.14 3.82 -1.35
C ASN A 161 -1.34 3.94 -1.05
N SER A 162 -1.79 3.38 0.06
CA SER A 162 -3.20 3.41 0.40
C SER A 162 -3.62 4.80 0.86
N ALA A 163 -4.92 5.08 0.75
CA ALA A 163 -5.52 6.31 1.24
C ALA A 163 -6.87 5.99 1.86
N GLU A 164 -7.27 6.82 2.83
CA GLU A 164 -8.57 6.64 3.48
C GLU A 164 -9.17 8.02 3.75
N CYS A 165 -10.49 8.02 3.94
CA CYS A 165 -11.26 9.25 4.03
C CYS A 165 -12.08 9.23 5.32
N TYR A 166 -12.00 10.32 6.07
CA TYR A 166 -12.70 10.53 7.32
C TYR A 166 -13.93 11.40 7.10
N TYR A 167 -15.07 10.91 7.59
CA TYR A 167 -16.33 11.63 7.54
C TYR A 167 -16.57 12.26 8.90
N PRO A 168 -16.45 13.59 9.03
CA PRO A 168 -16.49 14.21 10.37
C PRO A 168 -17.75 13.91 11.17
N GLU A 169 -18.93 13.93 10.54
CA GLU A 169 -20.17 13.78 11.29
C GLU A 169 -20.62 12.35 11.44
N ARG A 170 -19.98 11.40 10.76
CA ARG A 170 -20.19 10.00 11.09
C ARG A 170 -19.03 9.42 11.86
N ASN A 171 -17.98 10.22 12.09
CA ASN A 171 -16.83 9.85 12.90
C ASN A 171 -16.31 8.45 12.55
N GLU A 172 -16.04 8.24 11.26
CA GLU A 172 -15.39 7.01 10.85
C GLU A 172 -14.58 7.24 9.59
N TRP A 173 -13.70 6.27 9.32
CA TRP A 173 -12.80 6.27 8.18
C TRP A 173 -13.22 5.17 7.22
N ARG A 174 -12.94 5.39 5.94
CA ARG A 174 -13.31 4.48 4.86
C ARG A 174 -12.17 4.45 3.86
N MET A 175 -11.65 3.26 3.58
CA MET A 175 -10.62 3.14 2.56
C MET A 175 -11.15 3.65 1.23
N ILE A 176 -10.27 4.29 0.46
CA ILE A 176 -10.61 4.72 -0.89
C ILE A 176 -9.61 4.08 -1.84
N THR A 177 -9.71 4.41 -3.13
CA THR A 177 -8.75 3.89 -4.10
C THR A 177 -7.33 4.27 -3.72
N ALA A 178 -6.41 3.31 -3.85
CA ALA A 178 -5.02 3.55 -3.53
C ALA A 178 -4.34 4.35 -4.65
N MET A 179 -3.24 5.00 -4.29
CA MET A 179 -2.44 5.71 -5.27
C MET A 179 -1.74 4.72 -6.21
N ASN A 180 -1.27 5.24 -7.34
CA ASN A 180 -0.42 4.43 -8.21
C ASN A 180 0.94 4.15 -7.59
N THR A 181 1.43 5.04 -6.74
CA THR A 181 2.78 4.96 -6.20
C THR A 181 2.75 4.97 -4.68
N ILE A 182 3.59 4.13 -4.09
CA ILE A 182 3.82 4.14 -2.64
C ILE A 182 4.60 5.41 -2.27
N ARG A 183 4.04 6.21 -1.37
CA ARG A 183 4.63 7.50 -0.99
C ARG A 183 4.53 7.70 0.51
N SER A 184 5.67 7.87 1.17
CA SER A 184 5.71 8.43 2.52
C SER A 184 6.48 9.74 2.47
N GLY A 185 6.04 10.71 3.27
CA GLY A 185 6.63 12.05 3.23
C GLY A 185 6.42 12.79 1.93
N ALA A 186 5.29 12.57 1.27
CA ALA A 186 4.95 13.33 0.08
C ALA A 186 4.24 14.62 0.46
N GLY A 187 4.16 15.54 -0.50
CA GLY A 187 3.34 16.71 -0.31
C GLY A 187 1.94 16.45 -0.84
N VAL A 188 0.94 16.58 0.01
CA VAL A 188 -0.44 16.31 -0.36
C VAL A 188 -1.25 17.56 -0.12
N CYS A 189 -1.82 18.13 -1.19
CA CYS A 189 -2.69 19.29 -1.06
C CYS A 189 -3.94 19.10 -1.91
N VAL A 190 -4.77 20.14 -1.93
CA VAL A 190 -5.98 20.19 -2.75
C VAL A 190 -5.88 21.41 -3.65
N LEU A 191 -5.89 21.19 -4.95
CA LEU A 191 -5.93 22.26 -5.93
C LEU A 191 -7.23 22.13 -6.72
N HIS A 192 -7.97 23.22 -6.81
CA HIS A 192 -9.28 23.26 -7.45
C HIS A 192 -10.18 22.17 -6.85
N ASN A 193 -10.40 21.07 -7.56
CA ASN A 193 -11.24 20.01 -7.02
C ASN A 193 -10.56 18.65 -7.14
N CYS A 194 -9.25 18.62 -6.91
CA CYS A 194 -8.53 17.36 -6.99
C CYS A 194 -7.49 17.30 -5.89
N ILE A 195 -7.28 16.11 -5.33
CA ILE A 195 -6.25 15.93 -4.32
C ILE A 195 -4.92 15.67 -5.01
N TYR A 196 -3.87 16.35 -4.58
CA TYR A 196 -2.58 16.19 -5.23
C TYR A 196 -1.61 15.54 -4.26
N ALA A 197 -0.82 14.59 -4.78
CA ALA A 197 0.22 13.90 -4.03
C ALA A 197 1.49 13.96 -4.87
N ALA A 198 2.50 14.63 -4.34
CA ALA A 198 3.70 14.95 -5.09
C ALA A 198 4.94 14.47 -4.34
N GLY A 199 5.80 13.76 -5.05
CA GLY A 199 7.04 13.31 -4.44
C GLY A 199 6.82 12.28 -3.34
N GLY A 200 7.73 12.28 -2.39
CA GLY A 200 7.72 11.29 -1.33
C GLY A 200 8.90 10.34 -1.44
N TYR A 201 8.82 9.26 -0.66
CA TYR A 201 9.83 8.22 -0.61
C TYR A 201 9.15 6.86 -0.52
N ASP A 202 9.59 5.90 -1.33
CA ASP A 202 8.93 4.59 -1.39
C ASP A 202 9.76 3.47 -0.78
N GLY A 203 10.77 3.81 0.02
CA GLY A 203 11.66 2.83 0.59
C GLY A 203 12.87 2.52 -0.25
N GLN A 204 12.94 3.04 -1.48
CA GLN A 204 14.09 2.82 -2.34
C GLN A 204 14.55 4.14 -2.94
N ASP A 205 13.62 4.92 -3.47
CA ASP A 205 13.96 6.17 -4.14
C ASP A 205 13.10 7.31 -3.63
N GLN A 206 13.68 8.50 -3.61
CA GLN A 206 12.88 9.71 -3.53
C GLN A 206 12.24 9.94 -4.88
N LEU A 207 11.02 10.51 -4.88
CA LEU A 207 10.20 10.57 -6.07
C LEU A 207 10.01 12.00 -6.57
N ASN A 208 9.91 12.15 -7.89
CA ASN A 208 9.46 13.39 -8.49
C ASN A 208 8.07 13.28 -9.11
N SER A 209 7.51 12.07 -9.19
CA SER A 209 6.19 11.91 -9.78
C SER A 209 5.14 12.63 -8.95
N VAL A 210 4.06 13.00 -9.62
CA VAL A 210 2.92 13.69 -9.02
C VAL A 210 1.66 13.07 -9.58
N GLU A 211 0.71 12.74 -8.70
CA GLU A 211 -0.57 12.21 -9.15
C GLU A 211 -1.70 12.90 -8.39
N ARG A 212 -2.86 12.96 -9.03
CA ARG A 212 -3.99 13.66 -8.47
C ARG A 212 -5.22 12.77 -8.51
N TYR A 213 -6.01 12.85 -7.45
CA TYR A 213 -7.18 12.03 -7.23
C TYR A 213 -8.42 12.84 -7.52
N ASP A 214 -9.28 12.29 -8.36
CA ASP A 214 -10.58 12.85 -8.69
C ASP A 214 -11.65 12.01 -7.99
N VAL A 215 -12.39 12.65 -7.09
CA VAL A 215 -13.44 11.99 -6.33
C VAL A 215 -14.54 11.48 -7.26
N ALA A 216 -14.85 12.24 -8.32
CA ALA A 216 -15.95 11.86 -9.19
C ALA A 216 -15.66 10.56 -9.92
N THR A 217 -14.40 10.29 -10.23
CA THR A 217 -14.00 9.04 -10.85
C THR A 217 -13.41 8.06 -9.85
N ALA A 218 -13.21 8.49 -8.60
CA ALA A 218 -12.42 7.77 -7.61
C ALA A 218 -11.14 7.23 -8.23
N THR A 219 -10.39 8.13 -8.88
CA THR A 219 -9.25 7.67 -9.66
C THR A 219 -8.04 8.56 -9.45
N TRP A 220 -6.87 7.94 -9.35
CA TRP A 220 -5.59 8.63 -9.31
C TRP A 220 -4.99 8.64 -10.71
N THR A 221 -4.56 9.81 -11.17
CA THR A 221 -3.96 9.99 -12.48
C THR A 221 -2.66 10.79 -12.34
N PHE A 222 -1.61 10.31 -13.01
CA PHE A 222 -0.35 11.05 -12.99
C PHE A 222 -0.49 12.35 -13.76
N VAL A 223 0.31 13.31 -13.34
CA VAL A 223 0.43 14.60 -13.99
C VAL A 223 1.93 14.82 -14.24
N ALA A 224 2.29 16.03 -14.65
CA ALA A 224 3.70 16.33 -14.86
C ALA A 224 4.50 16.09 -13.58
N PRO A 225 5.65 15.44 -13.64
CA PRO A 225 6.49 15.30 -12.46
C PRO A 225 7.31 16.56 -12.21
N MET A 226 7.70 16.75 -10.95
CA MET A 226 8.54 17.89 -10.62
C MET A 226 9.92 17.72 -11.23
N LYS A 227 10.68 18.82 -11.20
CA LYS A 227 12.05 18.78 -11.67
C LYS A 227 12.96 18.01 -10.72
N HIS A 228 12.71 18.08 -9.41
CA HIS A 228 13.61 17.49 -8.43
C HIS A 228 12.87 16.49 -7.56
N ARG A 229 13.33 15.24 -7.57
CA ARG A 229 12.88 14.26 -6.60
C ARG A 229 13.12 14.78 -5.18
N ARG A 230 12.14 14.56 -4.32
CA ARG A 230 12.22 15.13 -2.98
C ARG A 230 11.25 14.41 -2.07
N SER A 231 11.70 14.10 -0.86
CA SER A 231 10.84 13.60 0.20
C SER A 231 10.90 14.57 1.37
N ALA A 232 9.85 14.52 2.19
CA ALA A 232 9.71 15.43 3.34
C ALA A 232 9.71 16.88 2.86
N LEU A 233 8.97 17.14 1.79
CA LEU A 233 8.83 18.46 1.21
C LEU A 233 7.64 19.17 1.84
N GLY A 234 7.69 20.50 1.85
CA GLY A 234 6.53 21.30 2.17
C GLY A 234 5.70 21.56 0.93
N ILE A 235 4.39 21.73 1.11
CA ILE A 235 3.51 21.99 -0.02
C ILE A 235 2.39 22.94 0.42
N THR A 236 1.97 23.79 -0.51
CA THR A 236 0.79 24.63 -0.31
C THR A 236 0.27 25.12 -1.64
N VAL A 237 -0.89 25.78 -1.60
CA VAL A 237 -1.52 26.32 -2.79
C VAL A 237 -1.62 27.83 -2.62
N HIS A 238 -1.09 28.57 -3.59
CA HIS A 238 -1.17 30.03 -3.61
C HIS A 238 -1.69 30.47 -4.97
N GLN A 239 -2.79 31.24 -4.96
CA GLN A 239 -3.41 31.79 -6.16
C GLN A 239 -3.53 30.74 -7.28
N GLY A 240 -4.14 29.62 -6.95
CA GLY A 240 -4.42 28.60 -7.94
C GLY A 240 -3.22 27.85 -8.47
N ARG A 241 -2.07 27.93 -7.82
CA ARG A 241 -0.90 27.15 -8.22
C ARG A 241 -0.30 26.43 -7.02
N ILE A 242 0.34 25.29 -7.30
CA ILE A 242 0.94 24.47 -6.26
C ILE A 242 2.38 24.89 -6.05
N TYR A 243 2.80 24.98 -4.78
CA TYR A 243 4.17 25.31 -4.42
C TYR A 243 4.72 24.19 -3.55
N VAL A 244 5.90 23.69 -3.91
CA VAL A 244 6.60 22.73 -3.08
C VAL A 244 7.95 23.32 -2.70
N LEU A 245 8.32 23.11 -1.44
CA LEU A 245 9.44 23.78 -0.80
C LEU A 245 10.37 22.74 -0.19
N GLY A 246 11.64 22.80 -0.57
CA GLY A 246 12.67 22.00 0.05
C GLY A 246 12.42 20.51 -0.05
N GLY A 247 12.90 19.81 0.96
CA GLY A 247 12.87 18.36 0.99
C GLY A 247 14.27 17.78 0.94
N TYR A 248 14.29 16.46 0.83
CA TYR A 248 15.52 15.69 0.85
C TYR A 248 15.50 14.77 -0.35
N ASP A 249 16.61 14.67 -1.07
CA ASP A 249 16.69 13.88 -2.29
C ASP A 249 17.67 12.72 -2.16
N GLY A 250 17.96 12.32 -0.94
CA GLY A 250 18.91 11.24 -0.69
C GLY A 250 20.33 11.72 -0.50
N HIS A 251 20.63 12.96 -0.87
CA HIS A 251 21.97 13.50 -0.76
C HIS A 251 21.95 14.86 -0.09
N THR A 252 21.01 15.71 -0.50
CA THR A 252 20.99 17.11 -0.10
C THR A 252 19.64 17.47 0.48
N PHE A 253 19.64 18.36 1.46
CA PHE A 253 18.43 19.04 1.88
C PHE A 253 18.23 20.23 0.95
N LEU A 254 17.17 20.18 0.15
CA LEU A 254 16.96 21.14 -0.93
C LEU A 254 16.47 22.48 -0.42
N ASP A 255 16.91 23.55 -1.10
CA ASP A 255 16.29 24.86 -0.98
C ASP A 255 15.42 25.23 -2.19
N SER A 256 15.45 24.42 -3.25
CA SER A 256 14.61 24.61 -4.42
C SER A 256 13.13 24.75 -4.05
N VAL A 257 12.44 25.69 -4.68
CA VAL A 257 11.00 25.83 -4.58
C VAL A 257 10.42 25.72 -5.99
N GLU A 258 9.56 24.73 -6.20
CA GLU A 258 8.92 24.52 -7.50
C GLU A 258 7.46 24.95 -7.46
N CYS A 259 6.95 25.32 -8.63
CA CYS A 259 5.58 25.81 -8.78
C CYS A 259 4.91 25.08 -9.94
N TYR A 260 3.73 24.55 -9.68
CA TYR A 260 2.94 23.80 -10.65
C TYR A 260 1.77 24.67 -11.10
N ASP A 261 1.69 24.90 -12.41
CA ASP A 261 0.55 25.54 -13.05
C ASP A 261 -0.35 24.47 -13.64
N PRO A 262 -1.57 24.30 -13.15
CA PRO A 262 -2.43 23.23 -13.68
C PRO A 262 -2.89 23.48 -15.11
N ASP A 263 -3.10 24.74 -15.49
CA ASP A 263 -3.53 25.04 -16.85
C ASP A 263 -2.51 24.56 -17.89
N THR A 264 -1.22 24.75 -17.61
CA THR A 264 -0.16 24.26 -18.49
C THR A 264 0.27 22.82 -18.19
N ASP A 265 -0.08 22.28 -17.03
CA ASP A 265 0.52 21.05 -16.50
C ASP A 265 2.05 21.09 -16.63
N THR A 266 2.64 22.11 -16.01
CA THR A 266 4.09 22.27 -16.01
C THR A 266 4.57 22.72 -14.64
N TRP A 267 5.80 22.32 -14.32
CA TRP A 267 6.49 22.70 -13.10
C TRP A 267 7.59 23.70 -13.44
N SER A 268 7.84 24.63 -12.52
CA SER A 268 8.90 25.61 -12.74
C SER A 268 9.52 26.01 -11.41
N GLU A 269 10.84 26.13 -11.39
CA GLU A 269 11.55 26.61 -10.21
C GLU A 269 11.38 28.12 -10.10
N VAL A 270 10.86 28.59 -8.98
CA VAL A 270 10.56 30.00 -8.83
C VAL A 270 11.49 30.72 -7.84
N THR A 271 12.13 30.00 -6.93
CA THR A 271 12.99 30.64 -5.95
C THR A 271 13.73 29.56 -5.18
N ARG A 272 14.74 30.00 -4.43
CA ARG A 272 15.42 29.20 -3.44
C ARG A 272 15.10 29.73 -2.04
N MET A 273 14.88 28.82 -1.10
CA MET A 273 14.81 29.28 0.27
C MET A 273 16.18 29.77 0.73
N THR A 274 16.20 30.44 1.87
CA THR A 274 17.47 31.01 2.34
C THR A 274 18.46 29.91 2.70
N SER A 275 17.97 28.72 3.03
CA SER A 275 18.81 27.57 3.31
C SER A 275 18.00 26.31 3.09
N GLY A 276 18.66 25.28 2.57
CA GLY A 276 17.98 24.02 2.33
C GLY A 276 17.49 23.39 3.62
N ARG A 277 16.34 22.73 3.53
CA ARG A 277 15.73 22.10 4.69
C ARG A 277 14.62 21.15 4.23
N SER A 278 14.30 20.21 5.10
CA SER A 278 13.21 19.28 4.90
C SER A 278 12.30 19.32 6.12
N GLY A 279 11.12 18.71 5.99
CA GLY A 279 10.23 18.61 7.13
C GLY A 279 9.69 19.93 7.64
N VAL A 280 9.37 20.86 6.73
CA VAL A 280 8.80 22.14 7.10
C VAL A 280 7.29 22.04 7.21
N GLY A 281 6.70 22.99 7.94
CA GLY A 281 5.28 23.28 7.86
C GLY A 281 5.03 24.50 6.99
N VAL A 282 4.09 24.38 6.05
CA VAL A 282 3.87 25.45 5.09
C VAL A 282 2.40 25.81 5.03
N ALA A 283 2.11 27.11 4.94
CA ALA A 283 0.72 27.55 4.77
C ALA A 283 0.70 28.98 4.24
N VAL A 284 -0.49 29.43 3.85
CA VAL A 284 -0.66 30.74 3.23
C VAL A 284 -1.62 31.56 4.07
N THR A 285 -1.20 32.78 4.40
CA THR A 285 -2.08 33.76 5.03
C THR A 285 -1.53 35.16 4.73
N MET A 286 -2.22 36.16 5.26
CA MET A 286 -1.96 37.55 4.90
C MET A 286 -0.54 37.98 5.31
N GLU A 287 -0.07 39.05 4.67
CA GLU A 287 1.20 39.68 4.99
C GLU A 287 1.27 40.07 6.47
N PRO A 288 2.49 40.24 6.99
CA PRO A 288 2.63 40.86 8.32
C PRO A 288 2.40 42.37 8.23
N SER A 289 2.45 43.06 9.38
CA SER A 289 2.16 44.49 9.40
C SER A 289 3.38 45.34 9.73
N ARG A 290 3.13 46.56 10.21
CA ARG A 290 4.13 47.47 10.78
C ARG A 290 5.44 47.51 9.99
N LEU B 3 -12.67 -32.53 -7.46
CA LEU B 3 -11.54 -33.09 -6.72
C LEU B 3 -10.61 -31.93 -6.34
N ILE B 4 -10.06 -31.93 -5.12
CA ILE B 4 -9.13 -30.87 -4.72
C ILE B 4 -7.71 -31.35 -4.94
N TYR B 5 -7.04 -30.81 -5.97
CA TYR B 5 -5.66 -31.18 -6.27
C TYR B 5 -4.68 -30.13 -5.74
N THR B 6 -3.63 -30.61 -5.08
CA THR B 6 -2.52 -29.80 -4.60
C THR B 6 -1.24 -30.33 -5.24
N ALA B 7 -0.50 -29.42 -5.89
CA ALA B 7 0.71 -29.75 -6.64
C ALA B 7 1.87 -28.92 -6.11
N GLY B 8 3.03 -29.58 -5.98
CA GLY B 8 4.23 -28.91 -5.55
C GLY B 8 4.19 -28.59 -4.06
N GLY B 9 4.94 -27.58 -3.69
CA GLY B 9 5.04 -27.14 -2.32
C GLY B 9 6.46 -27.25 -1.80
N TYR B 10 6.63 -26.91 -0.53
CA TYR B 10 7.96 -26.87 0.04
C TYR B 10 7.95 -27.41 1.46
N PHE B 11 8.90 -28.30 1.70
CA PHE B 11 9.16 -28.96 2.97
C PHE B 11 10.60 -29.45 2.79
N ARG B 12 11.53 -28.81 3.52
CA ARG B 12 12.97 -29.07 3.47
C ARG B 12 13.56 -28.75 2.08
N GLN B 13 12.73 -28.90 1.06
CA GLN B 13 13.08 -28.60 -0.32
C GLN B 13 11.78 -28.51 -1.11
N SER B 14 11.89 -28.17 -2.40
CA SER B 14 10.69 -28.17 -3.23
C SER B 14 10.26 -29.60 -3.52
N LEU B 15 8.96 -29.77 -3.75
CA LEU B 15 8.34 -31.09 -3.84
C LEU B 15 7.75 -31.32 -5.22
N SER B 16 7.53 -32.60 -5.53
CA SER B 16 6.86 -33.03 -6.74
C SER B 16 5.49 -33.62 -6.46
N TYR B 17 5.06 -33.65 -5.19
CA TYR B 17 3.79 -34.26 -4.81
C TYR B 17 2.64 -33.73 -5.65
N LEU B 18 1.71 -34.64 -5.99
CA LEU B 18 0.38 -34.27 -6.46
C LEU B 18 -0.58 -35.11 -5.63
N GLU B 19 -1.34 -34.46 -4.75
CA GLU B 19 -2.24 -35.16 -3.86
C GLU B 19 -3.63 -34.56 -3.98
N ALA B 20 -4.64 -35.37 -3.64
CA ALA B 20 -6.03 -34.99 -3.86
C ALA B 20 -6.85 -35.23 -2.62
N TYR B 21 -7.47 -34.16 -2.12
CA TYR B 21 -8.41 -34.24 -1.01
C TYR B 21 -9.82 -34.09 -1.55
N ASN B 22 -10.74 -34.91 -1.03
CA ASN B 22 -12.15 -34.80 -1.34
C ASN B 22 -12.94 -34.70 -0.02
N PRO B 23 -13.63 -33.60 0.22
CA PRO B 23 -14.35 -33.46 1.50
C PRO B 23 -15.51 -34.43 1.64
N SER B 24 -16.02 -34.96 0.53
CA SER B 24 -16.97 -36.07 0.61
C SER B 24 -16.29 -37.31 1.16
N ASP B 25 -15.17 -37.71 0.55
CA ASP B 25 -14.47 -38.92 1.00
C ASP B 25 -13.77 -38.70 2.33
N GLY B 26 -13.30 -37.48 2.58
CA GLY B 26 -12.44 -37.18 3.70
C GLY B 26 -11.07 -37.83 3.68
N THR B 27 -10.77 -38.65 2.67
CA THR B 27 -9.50 -39.33 2.52
C THR B 27 -8.58 -38.56 1.55
N TRP B 28 -7.30 -38.94 1.56
CA TRP B 28 -6.29 -38.39 0.66
C TRP B 28 -5.86 -39.41 -0.39
N LEU B 29 -5.83 -38.99 -1.65
CA LEU B 29 -5.36 -39.80 -2.77
C LEU B 29 -3.98 -39.34 -3.21
N ARG B 30 -3.04 -40.27 -3.28
CA ARG B 30 -1.68 -39.98 -3.77
C ARG B 30 -1.59 -40.26 -5.26
N LEU B 31 -1.13 -39.27 -6.03
CA LEU B 31 -1.14 -39.34 -7.48
C LEU B 31 0.28 -39.17 -8.05
N ALA B 32 0.36 -38.90 -9.36
CA ALA B 32 1.63 -38.85 -10.08
C ALA B 32 2.47 -37.64 -9.69
N ASP B 33 3.78 -37.87 -9.51
CA ASP B 33 4.72 -36.80 -9.22
C ASP B 33 4.84 -35.81 -10.37
N LEU B 34 5.04 -34.54 -10.04
CA LEU B 34 5.48 -33.56 -11.02
C LEU B 34 6.82 -34.00 -11.61
N GLN B 35 7.05 -33.66 -12.88
CA GLN B 35 8.34 -33.99 -13.49
C GLN B 35 9.47 -33.18 -12.88
N VAL B 36 9.22 -31.92 -12.54
CA VAL B 36 10.21 -31.08 -11.87
C VAL B 36 9.62 -30.55 -10.58
N PRO B 37 10.31 -30.71 -9.45
CA PRO B 37 9.81 -30.15 -8.19
C PRO B 37 9.69 -28.64 -8.26
N ARG B 38 8.64 -28.11 -7.64
CA ARG B 38 8.44 -26.66 -7.63
C ARG B 38 7.64 -26.28 -6.39
N SER B 39 8.03 -25.16 -5.81
CA SER B 39 7.26 -24.46 -4.79
C SER B 39 7.08 -23.02 -5.23
N GLY B 40 6.13 -22.32 -4.61
CA GLY B 40 5.85 -20.97 -5.06
C GLY B 40 5.16 -20.92 -6.41
N LEU B 41 4.56 -22.03 -6.82
CA LEU B 41 3.87 -22.15 -8.10
C LEU B 41 2.40 -21.80 -7.94
N ALA B 42 1.70 -21.76 -9.06
CA ALA B 42 0.25 -21.62 -9.03
C ALA B 42 -0.39 -22.74 -9.84
N GLY B 43 -1.64 -23.04 -9.53
CA GLY B 43 -2.38 -24.07 -10.22
C GLY B 43 -3.73 -23.55 -10.70
N CYS B 44 -4.22 -24.14 -11.79
CA CYS B 44 -5.54 -23.81 -12.30
C CYS B 44 -6.03 -24.96 -13.16
N VAL B 45 -7.22 -24.81 -13.73
CA VAL B 45 -7.82 -25.84 -14.57
C VAL B 45 -8.42 -25.18 -15.80
N VAL B 46 -8.12 -25.73 -16.98
CA VAL B 46 -8.74 -25.31 -18.22
C VAL B 46 -9.07 -26.55 -19.03
N GLY B 47 -10.28 -26.59 -19.59
CA GLY B 47 -10.74 -27.77 -20.30
C GLY B 47 -10.59 -29.05 -19.52
N GLY B 48 -10.74 -28.99 -18.20
CA GLY B 48 -10.60 -30.15 -17.35
C GLY B 48 -9.18 -30.58 -17.08
N LEU B 49 -8.18 -29.94 -17.67
CA LEU B 49 -6.79 -30.28 -17.44
C LEU B 49 -6.16 -29.30 -16.46
N LEU B 50 -5.26 -29.82 -15.62
CA LEU B 50 -4.75 -29.09 -14.47
C LEU B 50 -3.37 -28.51 -14.78
N TYR B 51 -3.28 -27.19 -14.80
CA TYR B 51 -2.07 -26.48 -15.18
C TYR B 51 -1.28 -26.06 -13.94
N ALA B 52 0.03 -26.32 -13.97
CA ALA B 52 0.99 -25.83 -13.00
C ALA B 52 1.87 -24.77 -13.66
N VAL B 53 1.98 -23.61 -13.02
CA VAL B 53 2.57 -22.41 -13.62
C VAL B 53 3.63 -21.85 -12.67
N GLY B 54 4.80 -21.57 -13.22
CA GLY B 54 5.87 -20.90 -12.52
C GLY B 54 6.40 -21.67 -11.34
N GLY B 55 6.94 -20.92 -10.38
CA GLY B 55 7.50 -21.47 -9.17
C GLY B 55 9.00 -21.53 -9.23
N ARG B 56 9.56 -22.43 -8.43
CA ARG B 56 11.00 -22.60 -8.37
C ARG B 56 11.35 -23.93 -7.74
N ASN B 57 12.45 -24.52 -8.19
CA ASN B 57 13.00 -25.73 -7.57
C ASN B 57 14.07 -25.25 -6.59
N ASN B 58 13.70 -25.25 -5.30
CA ASN B 58 14.60 -24.93 -4.20
C ASN B 58 15.12 -26.26 -3.65
N SER B 59 16.34 -26.59 -4.02
CA SER B 59 16.98 -27.89 -3.87
C SER B 59 18.34 -27.75 -3.20
N PRO B 60 18.81 -28.78 -2.49
CA PRO B 60 20.17 -28.76 -1.94
C PRO B 60 21.25 -28.50 -2.99
N ASP B 61 20.89 -28.51 -4.27
CA ASP B 61 21.85 -28.32 -5.35
C ASP B 61 21.48 -27.17 -6.26
N GLY B 62 20.49 -26.35 -5.88
CA GLY B 62 20.13 -25.25 -6.73
C GLY B 62 18.90 -24.54 -6.22
N ASN B 63 18.56 -23.47 -6.91
CA ASN B 63 17.41 -22.67 -6.57
C ASN B 63 17.01 -21.97 -7.87
N THR B 64 16.28 -22.70 -8.70
CA THR B 64 16.04 -22.25 -10.06
C THR B 64 14.59 -21.80 -10.19
N ASP B 65 14.40 -20.54 -10.55
CA ASP B 65 13.07 -20.02 -10.83
C ASP B 65 12.55 -20.67 -12.10
N SER B 66 11.24 -20.83 -12.18
CA SER B 66 10.63 -21.61 -13.24
C SER B 66 9.80 -20.73 -14.15
N SER B 67 10.08 -20.81 -15.45
CA SER B 67 9.23 -20.26 -16.49
C SER B 67 8.29 -21.31 -17.04
N ALA B 68 8.27 -22.50 -16.45
CA ALA B 68 7.63 -23.66 -17.06
C ALA B 68 6.12 -23.62 -16.86
N LEU B 69 5.41 -24.17 -17.85
CA LEU B 69 3.99 -24.45 -17.76
C LEU B 69 3.79 -25.93 -18.04
N ASP B 70 3.15 -26.65 -17.12
CA ASP B 70 3.01 -28.09 -17.26
C ASP B 70 1.56 -28.52 -17.01
N CYS B 71 1.15 -29.57 -17.72
CA CYS B 71 -0.25 -29.95 -17.82
C CYS B 71 -0.47 -31.37 -17.30
N TYR B 72 -1.41 -31.52 -16.39
CA TYR B 72 -1.76 -32.81 -15.83
C TYR B 72 -3.14 -33.22 -16.34
N ASN B 73 -3.24 -34.47 -16.77
CA ASN B 73 -4.50 -35.00 -17.27
C ASN B 73 -5.05 -36.03 -16.29
N PRO B 74 -6.24 -35.81 -15.71
CA PRO B 74 -6.76 -36.76 -14.71
C PRO B 74 -7.20 -38.10 -15.29
N MET B 75 -7.49 -38.20 -16.59
CA MET B 75 -7.87 -39.51 -17.13
C MET B 75 -6.65 -40.31 -17.60
N THR B 76 -5.55 -39.63 -17.94
CA THR B 76 -4.32 -40.32 -18.31
C THR B 76 -3.29 -40.35 -17.18
N ASN B 77 -3.56 -39.69 -16.06
CA ASN B 77 -2.62 -39.54 -14.95
C ASN B 77 -1.20 -39.23 -15.43
N GLN B 78 -1.09 -38.27 -16.33
CA GLN B 78 0.24 -37.93 -16.84
C GLN B 78 0.38 -36.43 -17.00
N TRP B 79 1.64 -35.98 -16.86
CA TRP B 79 2.06 -34.61 -17.10
C TRP B 79 2.64 -34.50 -18.51
N SER B 80 2.51 -33.31 -19.09
CA SER B 80 3.03 -33.02 -20.41
C SER B 80 3.47 -31.56 -20.39
N PRO B 81 4.66 -31.24 -20.89
CA PRO B 81 5.09 -29.84 -20.87
C PRO B 81 4.37 -29.03 -21.93
N CYS B 82 4.03 -27.81 -21.56
CA CYS B 82 3.52 -26.80 -22.49
C CYS B 82 4.57 -25.71 -22.64
N ALA B 83 4.31 -24.77 -23.54
CA ALA B 83 5.30 -23.73 -23.82
C ALA B 83 5.60 -22.93 -22.56
N PRO B 84 6.86 -22.56 -22.33
CA PRO B 84 7.20 -21.78 -21.15
C PRO B 84 6.95 -20.30 -21.37
N MET B 85 6.89 -19.57 -20.26
CA MET B 85 6.69 -18.13 -20.25
C MET B 85 7.94 -17.40 -20.75
N SER B 86 7.78 -16.09 -20.97
CA SER B 86 8.91 -15.26 -21.36
C SER B 86 9.94 -15.17 -20.24
N VAL B 87 9.50 -15.20 -18.99
CA VAL B 87 10.42 -15.09 -17.85
C VAL B 87 10.01 -16.10 -16.79
N PRO B 88 10.95 -16.50 -15.94
CA PRO B 88 10.59 -17.29 -14.76
C PRO B 88 9.82 -16.44 -13.76
N ARG B 89 8.91 -17.09 -13.02
CA ARG B 89 8.05 -16.39 -12.06
C ARG B 89 7.91 -17.23 -10.79
N ASN B 90 8.76 -16.93 -9.81
CA ASN B 90 8.60 -17.54 -8.49
C ASN B 90 7.58 -16.77 -7.68
N ARG B 91 6.75 -17.50 -6.93
CA ARG B 91 5.64 -16.92 -6.16
C ARG B 91 4.72 -16.12 -7.08
N ILE B 92 4.20 -16.83 -8.05
CA ILE B 92 3.40 -16.29 -9.14
C ILE B 92 1.94 -16.30 -8.72
N GLY B 93 1.14 -15.49 -9.40
CA GLY B 93 -0.31 -15.59 -9.32
C GLY B 93 -0.86 -15.93 -10.70
N VAL B 94 -1.97 -16.65 -10.73
CA VAL B 94 -2.60 -16.98 -12.00
C VAL B 94 -4.10 -16.79 -11.90
N GLY B 95 -4.71 -16.50 -13.04
CA GLY B 95 -6.15 -16.48 -13.13
C GLY B 95 -6.59 -17.06 -14.46
N VAL B 96 -7.85 -17.48 -14.51
CA VAL B 96 -8.41 -18.09 -15.71
C VAL B 96 -9.56 -17.22 -16.20
N ILE B 97 -9.46 -16.72 -17.42
CA ILE B 97 -10.54 -15.95 -18.03
C ILE B 97 -10.86 -16.59 -19.38
N ASP B 98 -12.09 -17.07 -19.52
CA ASP B 98 -12.59 -17.60 -20.79
C ASP B 98 -11.69 -18.73 -21.30
N GLY B 99 -11.22 -19.56 -20.40
CA GLY B 99 -10.33 -20.64 -20.77
C GLY B 99 -8.93 -20.21 -21.19
N HIS B 100 -8.50 -19.00 -20.82
CA HIS B 100 -7.15 -18.52 -21.08
C HIS B 100 -6.44 -18.30 -19.75
N ILE B 101 -5.14 -18.57 -19.70
CA ILE B 101 -4.37 -18.51 -18.47
C ILE B 101 -3.60 -17.20 -18.41
N TYR B 102 -3.85 -16.39 -17.38
CA TYR B 102 -3.07 -15.18 -17.14
C TYR B 102 -2.07 -15.48 -16.02
N ALA B 103 -0.78 -15.31 -16.33
CA ALA B 103 0.31 -15.43 -15.38
C ALA B 103 0.75 -14.04 -14.95
N VAL B 104 0.83 -13.82 -13.64
CA VAL B 104 0.87 -12.50 -13.03
C VAL B 104 2.04 -12.45 -12.05
N GLY B 105 2.96 -11.52 -12.31
CA GLY B 105 3.95 -11.17 -11.30
C GLY B 105 5.03 -12.21 -11.13
N GLY B 106 5.36 -12.50 -9.88
CA GLY B 106 6.42 -13.42 -9.55
C GLY B 106 7.78 -12.75 -9.55
N SER B 107 8.78 -13.49 -9.08
CA SER B 107 10.15 -13.02 -9.08
C SER B 107 11.04 -13.91 -9.92
N HIS B 108 12.09 -13.32 -10.44
CA HIS B 108 13.20 -14.06 -11.06
C HIS B 108 14.47 -13.45 -10.49
N GLY B 109 15.07 -14.15 -9.53
CA GLY B 109 16.21 -13.59 -8.84
C GLY B 109 15.75 -12.39 -8.04
N CYS B 110 16.50 -11.30 -8.14
CA CYS B 110 16.13 -10.06 -7.47
C CYS B 110 15.03 -9.30 -8.20
N ILE B 111 14.67 -9.71 -9.41
CA ILE B 111 13.71 -8.97 -10.23
C ILE B 111 12.30 -9.34 -9.78
N HIS B 112 11.55 -8.34 -9.33
CA HIS B 112 10.14 -8.50 -8.96
C HIS B 112 9.28 -7.99 -10.11
N HIS B 113 8.59 -8.90 -10.78
CA HIS B 113 7.87 -8.56 -12.00
C HIS B 113 6.63 -7.74 -11.71
N ASN B 114 6.36 -6.75 -12.56
CA ASN B 114 5.00 -6.28 -12.78
C ASN B 114 4.44 -6.80 -14.09
N SER B 115 5.27 -7.48 -14.89
CA SER B 115 4.84 -8.03 -16.16
C SER B 115 3.74 -9.06 -15.96
N VAL B 116 2.88 -9.18 -16.97
CA VAL B 116 1.81 -10.16 -17.01
C VAL B 116 1.81 -10.74 -18.42
N GLU B 117 1.54 -12.04 -18.54
CA GLU B 117 1.42 -12.62 -19.87
C GLU B 117 0.26 -13.59 -19.91
N ARG B 118 -0.17 -13.89 -21.14
CA ARG B 118 -1.37 -14.66 -21.39
C ARG B 118 -1.01 -15.88 -22.22
N TYR B 119 -1.58 -17.02 -21.85
CA TYR B 119 -1.34 -18.30 -22.49
C TYR B 119 -2.63 -18.84 -23.04
N GLU B 120 -2.57 -19.30 -24.29
CA GLU B 120 -3.74 -19.89 -24.94
C GLU B 120 -3.64 -21.40 -24.91
N PRO B 121 -4.45 -22.10 -24.12
CA PRO B 121 -4.29 -23.56 -23.99
C PRO B 121 -4.41 -24.31 -25.30
N GLU B 122 -5.08 -23.75 -26.30
CA GLU B 122 -5.23 -24.45 -27.56
C GLU B 122 -4.35 -23.86 -28.67
N ARG B 123 -3.43 -22.96 -28.33
CA ARG B 123 -2.45 -22.47 -29.30
C ARG B 123 -1.02 -22.52 -28.79
N ASP B 124 -0.78 -23.01 -27.56
CA ASP B 124 0.54 -23.02 -26.91
C ASP B 124 1.37 -21.77 -27.21
N GLU B 125 0.80 -20.61 -26.87
CA GLU B 125 1.56 -19.37 -26.94
C GLU B 125 1.34 -18.55 -25.70
N TRP B 126 2.41 -17.85 -25.32
CA TRP B 126 2.41 -16.79 -24.34
C TRP B 126 2.61 -15.46 -25.06
N HIS B 127 1.95 -14.42 -24.57
CA HIS B 127 2.05 -13.10 -25.16
C HIS B 127 2.00 -12.01 -24.09
N LEU B 128 3.07 -11.23 -24.00
CA LEU B 128 3.16 -10.15 -23.03
C LEU B 128 2.02 -9.14 -23.20
N VAL B 129 1.29 -8.89 -22.12
CA VAL B 129 0.18 -7.95 -22.15
C VAL B 129 0.44 -6.77 -21.23
N ALA B 130 -0.59 -5.97 -20.98
CA ALA B 130 -0.47 -4.80 -20.12
C ALA B 130 0.05 -5.19 -18.74
N PRO B 131 1.17 -4.59 -18.33
CA PRO B 131 1.79 -4.86 -17.02
C PRO B 131 1.01 -4.20 -15.89
N MET B 132 1.26 -4.65 -14.67
CA MET B 132 0.57 -4.09 -13.51
C MET B 132 1.17 -2.73 -13.17
N LEU B 133 0.39 -1.93 -12.45
CA LEU B 133 0.94 -0.70 -11.90
C LEU B 133 1.99 -0.97 -10.84
N THR B 134 2.00 -2.17 -10.26
CA THR B 134 2.85 -2.51 -9.15
C THR B 134 3.63 -3.78 -9.46
N ARG B 135 4.87 -3.84 -8.99
CA ARG B 135 5.61 -5.10 -8.97
C ARG B 135 5.07 -5.95 -7.83
N ARG B 136 4.73 -7.21 -8.13
CA ARG B 136 4.03 -8.06 -7.16
C ARG B 136 4.54 -9.49 -7.22
N ILE B 137 5.18 -9.94 -6.14
CA ILE B 137 5.36 -11.36 -5.88
C ILE B 137 4.56 -11.72 -4.64
N GLY B 138 4.23 -13.00 -4.52
CA GLY B 138 3.29 -13.44 -3.50
C GLY B 138 1.91 -12.85 -3.69
N VAL B 139 1.55 -12.53 -4.93
CA VAL B 139 0.32 -11.82 -5.26
C VAL B 139 -0.82 -12.82 -5.39
N GLY B 140 -1.98 -12.48 -4.82
CA GLY B 140 -3.17 -13.28 -5.01
C GLY B 140 -3.92 -12.82 -6.24
N VAL B 141 -4.41 -13.77 -7.01
CA VAL B 141 -5.05 -13.47 -8.29
C VAL B 141 -6.41 -14.13 -8.33
N ALA B 142 -7.41 -13.39 -8.82
CA ALA B 142 -8.77 -13.89 -8.88
C ALA B 142 -9.48 -13.32 -10.10
N VAL B 143 -10.53 -14.02 -10.54
CA VAL B 143 -11.31 -13.61 -11.70
C VAL B 143 -12.75 -13.39 -11.25
N LEU B 144 -13.29 -12.21 -11.60
CA LEU B 144 -14.65 -11.87 -11.20
C LEU B 144 -15.30 -11.04 -12.29
N ASN B 145 -16.51 -11.43 -12.69
CA ASN B 145 -17.19 -10.87 -13.87
C ASN B 145 -16.22 -10.73 -15.04
N ARG B 146 -15.44 -11.79 -15.26
CA ARG B 146 -14.45 -11.87 -16.32
C ARG B 146 -13.54 -10.63 -16.35
N LEU B 147 -13.18 -10.14 -15.16
CA LEU B 147 -12.10 -9.18 -14.99
C LEU B 147 -11.06 -9.77 -14.05
N LEU B 148 -9.80 -9.35 -14.23
CA LEU B 148 -8.67 -9.94 -13.51
C LEU B 148 -8.29 -9.08 -12.31
N TYR B 149 -8.07 -9.72 -11.15
CA TYR B 149 -7.72 -9.00 -9.94
C TYR B 149 -6.38 -9.49 -9.40
N ALA B 150 -5.43 -8.57 -9.24
CA ALA B 150 -4.17 -8.79 -8.55
C ALA B 150 -4.26 -8.10 -7.19
N VAL B 151 -3.94 -8.84 -6.13
CA VAL B 151 -4.28 -8.45 -4.76
C VAL B 151 -3.07 -8.68 -3.88
N GLY B 152 -2.66 -7.64 -3.14
CA GLY B 152 -1.58 -7.79 -2.19
C GLY B 152 -0.26 -8.10 -2.88
N GLY B 153 0.64 -8.71 -2.11
CA GLY B 153 1.92 -9.08 -2.65
C GLY B 153 3.11 -8.37 -2.01
N PHE B 154 4.23 -8.36 -2.72
CA PHE B 154 5.49 -7.82 -2.23
C PHE B 154 6.23 -7.25 -3.45
N ASP B 155 6.64 -5.99 -3.36
CA ASP B 155 7.29 -5.34 -4.50
C ASP B 155 8.80 -5.44 -4.43
N GLY B 156 9.34 -6.06 -3.39
CA GLY B 156 10.77 -6.18 -3.17
C GLY B 156 11.22 -5.34 -2.00
N THR B 157 10.42 -4.36 -1.61
CA THR B 157 10.76 -3.45 -0.53
C THR B 157 9.59 -3.39 0.45
N ASN B 158 8.37 -3.24 -0.07
CA ASN B 158 7.17 -3.11 0.76
C ASN B 158 6.22 -4.25 0.47
N ARG B 159 5.52 -4.70 1.50
CA ARG B 159 4.36 -5.55 1.31
C ARG B 159 3.12 -4.68 1.17
N LEU B 160 2.14 -5.18 0.42
CA LEU B 160 1.10 -4.34 -0.15
C LEU B 160 -0.28 -4.77 0.33
N ASN B 161 -1.12 -3.77 0.60
CA ASN B 161 -2.57 -3.97 0.72
C ASN B 161 -3.32 -3.46 -0.50
N SER B 162 -2.63 -2.91 -1.49
CA SER B 162 -3.32 -2.41 -2.67
C SER B 162 -3.79 -3.58 -3.54
N ALA B 163 -4.77 -3.30 -4.38
CA ALA B 163 -5.25 -4.25 -5.36
C ALA B 163 -5.53 -3.49 -6.64
N GLU B 164 -5.42 -4.20 -7.76
CA GLU B 164 -5.67 -3.61 -9.07
C GLU B 164 -6.40 -4.60 -9.94
N CYS B 165 -7.03 -4.06 -10.97
CA CYS B 165 -7.94 -4.80 -11.83
C CYS B 165 -7.49 -4.65 -13.27
N TYR B 166 -7.40 -5.76 -13.97
CA TYR B 166 -7.06 -5.78 -15.38
C TYR B 166 -8.35 -5.92 -16.18
N TYR B 167 -8.53 -4.98 -17.10
CA TYR B 167 -9.67 -4.97 -18.01
C TYR B 167 -9.18 -5.49 -19.35
N PRO B 168 -9.53 -6.72 -19.74
CA PRO B 168 -8.96 -7.28 -20.97
C PRO B 168 -9.22 -6.46 -22.21
N GLU B 169 -10.41 -5.83 -22.31
CA GLU B 169 -10.79 -5.17 -23.55
C GLU B 169 -10.26 -3.75 -23.65
N ARG B 170 -9.72 -3.20 -22.57
CA ARG B 170 -8.96 -1.96 -22.64
C ARG B 170 -7.47 -2.19 -22.42
N ASN B 171 -7.07 -3.44 -22.17
CA ASN B 171 -5.66 -3.83 -21.98
C ASN B 171 -4.96 -2.86 -21.04
N GLU B 172 -5.57 -2.63 -19.88
CA GLU B 172 -4.92 -1.80 -18.88
C GLU B 172 -5.39 -2.19 -17.49
N TRP B 173 -4.66 -1.68 -16.51
CA TRP B 173 -4.90 -1.92 -15.10
C TRP B 173 -5.43 -0.66 -14.45
N ARG B 174 -6.22 -0.86 -13.40
CA ARG B 174 -6.84 0.25 -12.67
C ARG B 174 -6.78 -0.12 -11.20
N MET B 175 -6.16 0.75 -10.41
CA MET B 175 -6.15 0.55 -8.98
C MET B 175 -7.59 0.55 -8.46
N ILE B 176 -7.85 -0.27 -7.45
CA ILE B 176 -9.16 -0.29 -6.81
C ILE B 176 -8.95 -0.02 -5.33
N THR B 177 -10.02 -0.11 -4.54
CA THR B 177 -9.87 0.08 -3.11
C THR B 177 -8.88 -0.93 -2.54
N ALA B 178 -8.01 -0.45 -1.66
CA ALA B 178 -7.04 -1.31 -1.02
C ALA B 178 -7.69 -2.11 0.11
N MET B 179 -7.07 -3.23 0.45
CA MET B 179 -7.55 -4.04 1.55
C MET B 179 -7.34 -3.29 2.87
N ASN B 180 -8.02 -3.78 3.91
CA ASN B 180 -7.76 -3.27 5.25
C ASN B 180 -6.40 -3.70 5.77
N THR B 181 -5.88 -4.82 5.28
CA THR B 181 -4.65 -5.41 5.79
C THR B 181 -3.62 -5.58 4.68
N ILE B 182 -2.37 -5.29 5.01
CA ILE B 182 -1.27 -5.61 4.11
C ILE B 182 -1.09 -7.13 4.11
N ARG B 183 -1.14 -7.73 2.92
CA ARG B 183 -1.08 -9.19 2.77
C ARG B 183 -0.14 -9.55 1.63
N SER B 184 0.93 -10.26 1.96
CA SER B 184 1.74 -10.94 0.97
C SER B 184 1.70 -12.44 1.25
N GLY B 185 1.65 -13.23 0.18
CA GLY B 185 1.49 -14.67 0.37
C GLY B 185 0.17 -15.06 0.99
N ALA B 186 -0.90 -14.32 0.69
CA ALA B 186 -2.24 -14.68 1.15
C ALA B 186 -2.89 -15.65 0.17
N GLY B 187 -3.95 -16.31 0.64
CA GLY B 187 -4.77 -17.08 -0.26
C GLY B 187 -5.89 -16.22 -0.78
N VAL B 188 -5.96 -16.04 -2.10
CA VAL B 188 -6.95 -15.16 -2.71
C VAL B 188 -7.77 -15.97 -3.69
N CYS B 189 -9.06 -16.09 -3.41
CA CYS B 189 -9.99 -16.78 -4.32
C CYS B 189 -11.24 -15.94 -4.50
N VAL B 190 -12.21 -16.52 -5.21
CA VAL B 190 -13.52 -15.92 -5.39
C VAL B 190 -14.54 -16.89 -4.84
N LEU B 191 -15.30 -16.46 -3.83
CA LEU B 191 -16.37 -17.29 -3.31
C LEU B 191 -17.70 -16.61 -3.62
N HIS B 192 -18.61 -17.37 -4.20
CA HIS B 192 -19.91 -16.85 -4.64
C HIS B 192 -19.61 -15.63 -5.49
N ASN B 193 -19.85 -14.40 -4.98
CA ASN B 193 -19.59 -13.19 -5.74
C ASN B 193 -18.84 -12.16 -4.92
N CYS B 194 -17.86 -12.61 -4.16
CA CYS B 194 -16.98 -11.72 -3.40
C CYS B 194 -15.56 -12.25 -3.49
N ILE B 195 -14.61 -11.32 -3.61
CA ILE B 195 -13.20 -11.70 -3.65
C ILE B 195 -12.71 -11.90 -2.22
N TYR B 196 -12.07 -13.02 -1.95
CA TYR B 196 -11.65 -13.34 -0.60
C TYR B 196 -10.14 -13.34 -0.55
N ALA B 197 -9.61 -12.76 0.52
CA ALA B 197 -8.19 -12.71 0.81
C ALA B 197 -8.02 -13.17 2.24
N ALA B 198 -7.33 -14.29 2.42
CA ALA B 198 -7.24 -14.98 3.69
C ALA B 198 -5.78 -15.16 4.08
N GLY B 199 -5.44 -14.77 5.30
CA GLY B 199 -4.10 -14.96 5.79
C GLY B 199 -3.09 -14.08 5.06
N GLY B 200 -1.87 -14.58 4.97
CA GLY B 200 -0.76 -13.85 4.41
C GLY B 200 0.25 -13.47 5.48
N TYR B 201 1.16 -12.59 5.08
CA TYR B 201 2.21 -12.08 5.96
C TYR B 201 2.37 -10.60 5.66
N ASP B 202 2.41 -9.76 6.70
CA ASP B 202 2.43 -8.31 6.52
C ASP B 202 3.79 -7.71 6.85
N GLY B 203 4.84 -8.52 6.82
CA GLY B 203 6.16 -8.07 7.16
C GLY B 203 6.51 -8.21 8.63
N GLN B 204 5.53 -8.59 9.46
CA GLN B 204 5.75 -8.77 10.89
C GLN B 204 5.19 -10.10 11.37
N ASP B 205 3.93 -10.38 11.02
CA ASP B 205 3.25 -11.56 11.50
C ASP B 205 2.53 -12.25 10.36
N GLN B 206 2.40 -13.56 10.46
CA GLN B 206 1.41 -14.27 9.65
C GLN B 206 0.02 -13.94 10.19
N LEU B 207 -0.95 -13.92 9.29
CA LEU B 207 -2.30 -13.45 9.62
C LEU B 207 -3.28 -14.62 9.56
N ASN B 208 -4.28 -14.57 10.43
CA ASN B 208 -5.44 -15.44 10.30
C ASN B 208 -6.69 -14.68 9.85
N SER B 209 -6.64 -13.35 9.83
CA SER B 209 -7.80 -12.57 9.40
C SER B 209 -8.11 -12.87 7.95
N VAL B 210 -9.38 -12.69 7.59
CA VAL B 210 -9.87 -12.92 6.24
C VAL B 210 -10.80 -11.79 5.91
N GLU B 211 -10.64 -11.20 4.73
CA GLU B 211 -11.53 -10.13 4.31
C GLU B 211 -11.96 -10.36 2.87
N ARG B 212 -13.14 -9.86 2.54
CA ARG B 212 -13.74 -10.07 1.24
C ARG B 212 -14.20 -8.74 0.65
N TYR B 213 -14.01 -8.62 -0.65
CA TYR B 213 -14.26 -7.42 -1.41
C TYR B 213 -15.57 -7.60 -2.18
N ASP B 214 -16.46 -6.62 -2.02
CA ASP B 214 -17.74 -6.54 -2.71
C ASP B 214 -17.61 -5.47 -3.78
N VAL B 215 -17.75 -5.91 -5.04
CA VAL B 215 -17.56 -5.04 -6.21
C VAL B 215 -18.60 -3.94 -6.27
N ALA B 216 -19.86 -4.25 -5.93
CA ALA B 216 -20.92 -3.26 -6.10
C ALA B 216 -20.73 -2.07 -5.18
N THR B 217 -20.18 -2.30 -3.99
CA THR B 217 -19.88 -1.22 -3.06
C THR B 217 -18.42 -0.81 -3.07
N ALA B 218 -17.57 -1.51 -3.82
CA ALA B 218 -16.12 -1.38 -3.76
C ALA B 218 -15.62 -1.34 -2.33
N THR B 219 -16.00 -2.37 -1.57
CA THR B 219 -15.73 -2.33 -0.13
C THR B 219 -15.14 -3.65 0.34
N TRP B 220 -14.12 -3.55 1.19
CA TRP B 220 -13.52 -4.70 1.87
C TRP B 220 -14.10 -4.81 3.27
N THR B 221 -14.56 -6.00 3.63
CA THR B 221 -15.14 -6.24 4.95
C THR B 221 -14.53 -7.48 5.60
N PHE B 222 -14.22 -7.37 6.89
CA PHE B 222 -13.63 -8.48 7.63
C PHE B 222 -14.67 -9.56 7.93
N VAL B 223 -14.26 -10.82 7.80
CA VAL B 223 -15.15 -11.95 8.06
C VAL B 223 -14.54 -12.90 9.07
N ALA B 224 -15.14 -14.08 9.20
CA ALA B 224 -14.67 -15.09 10.13
C ALA B 224 -13.21 -15.46 9.86
N PRO B 225 -12.32 -15.18 10.83
CA PRO B 225 -10.90 -15.48 10.70
C PRO B 225 -10.62 -16.98 10.84
N MET B 226 -9.45 -17.42 10.39
CA MET B 226 -9.09 -18.83 10.47
C MET B 226 -8.62 -19.16 11.88
N LYS B 227 -8.52 -20.46 12.15
CA LYS B 227 -7.99 -20.90 13.43
C LYS B 227 -6.48 -20.68 13.53
N HIS B 228 -5.76 -20.87 12.42
CA HIS B 228 -4.30 -20.83 12.43
C HIS B 228 -3.80 -19.81 11.42
N ARG B 229 -3.02 -18.84 11.91
CA ARG B 229 -2.31 -17.92 11.02
C ARG B 229 -1.46 -18.69 10.01
N ARG B 230 -1.44 -18.19 8.77
CA ARG B 230 -0.73 -18.90 7.71
C ARG B 230 -0.47 -17.96 6.55
N SER B 231 0.75 -18.01 6.02
CA SER B 231 1.12 -17.38 4.75
C SER B 231 1.66 -18.45 3.81
N ALA B 232 1.66 -18.14 2.51
CA ALA B 232 2.07 -19.08 1.47
C ALA B 232 1.18 -20.32 1.49
N LEU B 233 -0.12 -20.09 1.68
CA LEU B 233 -1.11 -21.13 1.74
C LEU B 233 -1.70 -21.41 0.36
N GLY B 234 -2.17 -22.64 0.18
CA GLY B 234 -2.99 -22.96 -0.97
C GLY B 234 -4.44 -22.67 -0.64
N ILE B 235 -5.21 -22.28 -1.66
CA ILE B 235 -6.61 -21.94 -1.43
C ILE B 235 -7.42 -22.36 -2.64
N THR B 236 -8.63 -22.84 -2.39
CA THR B 236 -9.59 -23.09 -3.46
C THR B 236 -10.98 -23.17 -2.85
N VAL B 237 -11.99 -23.24 -3.71
CA VAL B 237 -13.38 -23.33 -3.29
C VAL B 237 -13.96 -24.63 -3.81
N HIS B 238 -14.55 -25.40 -2.91
CA HIS B 238 -15.16 -26.69 -3.22
C HIS B 238 -16.61 -26.65 -2.76
N GLN B 239 -17.53 -26.85 -3.71
CA GLN B 239 -18.97 -26.90 -3.45
C GLN B 239 -19.42 -25.76 -2.55
N GLY B 240 -19.07 -24.53 -2.95
CA GLY B 240 -19.52 -23.37 -2.21
C GLY B 240 -18.91 -23.17 -0.85
N ARG B 241 -17.79 -23.83 -0.55
CA ARG B 241 -17.09 -23.65 0.70
C ARG B 241 -15.63 -23.33 0.42
N ILE B 242 -15.00 -22.56 1.30
CA ILE B 242 -13.59 -22.20 1.09
C ILE B 242 -12.70 -23.20 1.81
N TYR B 243 -11.65 -23.66 1.13
CA TYR B 243 -10.68 -24.59 1.69
C TYR B 243 -9.30 -23.97 1.57
N VAL B 244 -8.57 -23.94 2.68
CA VAL B 244 -7.18 -23.50 2.70
C VAL B 244 -6.30 -24.65 3.20
N LEU B 245 -5.17 -24.84 2.52
CA LEU B 245 -4.32 -26.00 2.69
C LEU B 245 -2.89 -25.54 2.97
N GLY B 246 -2.33 -26.00 4.08
CA GLY B 246 -0.94 -25.83 4.45
C GLY B 246 -0.55 -24.36 4.61
N GLY B 247 0.72 -24.09 4.33
CA GLY B 247 1.30 -22.78 4.51
C GLY B 247 2.35 -22.79 5.60
N TYR B 248 2.84 -21.59 5.91
CA TYR B 248 3.89 -21.41 6.89
C TYR B 248 3.43 -20.35 7.89
N ASP B 249 3.67 -20.60 9.18
CA ASP B 249 3.17 -19.73 10.24
C ASP B 249 4.29 -19.07 11.03
N GLY B 250 5.48 -18.99 10.44
CA GLY B 250 6.62 -18.41 11.09
C GLY B 250 7.49 -19.40 11.84
N HIS B 251 6.97 -20.60 12.11
CA HIS B 251 7.74 -21.61 12.83
C HIS B 251 7.68 -22.96 12.14
N THR B 252 6.48 -23.40 11.75
CA THR B 252 6.26 -24.75 11.26
C THR B 252 5.53 -24.70 9.92
N PHE B 253 5.82 -25.68 9.07
CA PHE B 253 5.08 -25.89 7.83
C PHE B 253 3.81 -26.67 8.11
N LEU B 254 2.67 -26.03 7.86
CA LEU B 254 1.37 -26.57 8.26
C LEU B 254 0.93 -27.71 7.36
N ASP B 255 0.33 -28.73 7.98
CA ASP B 255 -0.48 -29.69 7.27
C ASP B 255 -1.98 -29.47 7.49
N SER B 256 -2.35 -28.63 8.45
CA SER B 256 -3.74 -28.29 8.69
C SER B 256 -4.42 -27.79 7.43
N VAL B 257 -5.65 -28.26 7.20
CA VAL B 257 -6.52 -27.76 6.15
C VAL B 257 -7.77 -27.23 6.85
N GLU B 258 -8.04 -25.95 6.68
CA GLU B 258 -9.21 -25.33 7.29
C GLU B 258 -10.29 -25.11 6.25
N CYS B 259 -11.54 -25.09 6.71
CA CYS B 259 -12.70 -24.94 5.86
C CYS B 259 -13.62 -23.87 6.40
N TYR B 260 -13.98 -22.93 5.53
CA TYR B 260 -14.86 -21.82 5.85
C TYR B 260 -16.21 -22.08 5.19
N ASP B 261 -17.26 -22.11 6.01
CA ASP B 261 -18.63 -22.13 5.53
C ASP B 261 -19.16 -20.70 5.61
N PRO B 262 -19.53 -20.08 4.48
CA PRO B 262 -19.96 -18.67 4.55
C PRO B 262 -21.28 -18.49 5.25
N ASP B 263 -22.21 -19.43 5.09
CA ASP B 263 -23.50 -19.31 5.77
C ASP B 263 -23.33 -19.23 7.28
N THR B 264 -22.39 -20.00 7.82
CA THR B 264 -22.08 -19.93 9.23
C THR B 264 -21.14 -18.79 9.56
N ASP B 265 -20.40 -18.29 8.58
CA ASP B 265 -19.21 -17.47 8.81
C ASP B 265 -18.37 -18.08 9.93
N THR B 266 -17.96 -19.32 9.71
CA THR B 266 -17.14 -20.02 10.69
C THR B 266 -16.08 -20.85 9.97
N TRP B 267 -14.95 -21.02 10.64
CA TRP B 267 -13.84 -21.83 10.14
C TRP B 267 -13.80 -23.13 10.93
N SER B 268 -13.42 -24.20 10.24
CA SER B 268 -13.32 -25.50 10.90
C SER B 268 -12.21 -26.31 10.26
N GLU B 269 -11.43 -26.98 11.10
CA GLU B 269 -10.37 -27.85 10.62
C GLU B 269 -11.00 -29.15 10.12
N VAL B 270 -10.74 -29.49 8.87
CA VAL B 270 -11.37 -30.63 8.23
C VAL B 270 -10.41 -31.80 8.04
N THR B 271 -9.10 -31.56 8.03
CA THR B 271 -8.13 -32.63 7.82
C THR B 271 -6.73 -32.08 8.01
N ARG B 272 -5.78 -33.03 8.06
CA ARG B 272 -4.36 -32.76 7.92
C ARG B 272 -3.95 -33.29 6.56
N MET B 273 -3.16 -32.53 5.81
CA MET B 273 -2.55 -33.18 4.65
C MET B 273 -1.47 -34.15 5.13
N THR B 274 -0.99 -34.96 4.19
CA THR B 274 -0.07 -36.04 4.56
C THR B 274 1.24 -35.51 5.14
N SER B 275 1.63 -34.28 4.80
CA SER B 275 2.84 -33.69 5.36
C SER B 275 2.74 -32.18 5.24
N GLY B 276 3.26 -31.49 6.26
CA GLY B 276 3.24 -30.03 6.24
C GLY B 276 4.07 -29.49 5.09
N ARG B 277 3.60 -28.40 4.51
CA ARG B 277 4.28 -27.80 3.36
C ARG B 277 3.69 -26.42 3.11
N SER B 278 4.46 -25.59 2.40
CA SER B 278 4.02 -24.27 1.97
C SER B 278 4.23 -24.11 0.47
N GLY B 279 3.60 -23.05 -0.08
CA GLY B 279 3.81 -22.67 -1.46
C GLY B 279 3.29 -23.63 -2.50
N VAL B 280 2.13 -24.24 -2.27
CA VAL B 280 1.55 -25.18 -3.22
C VAL B 280 0.73 -24.44 -4.25
N GLY B 281 0.51 -25.10 -5.39
CA GLY B 281 -0.53 -24.71 -6.33
C GLY B 281 -1.76 -25.58 -6.14
N VAL B 282 -2.93 -24.94 -6.05
CA VAL B 282 -4.17 -25.64 -5.71
C VAL B 282 -5.21 -25.35 -6.78
N ALA B 283 -5.98 -26.38 -7.14
CA ALA B 283 -7.07 -26.21 -8.09
C ALA B 283 -8.05 -27.37 -7.96
N VAL B 284 -9.19 -27.24 -8.66
CA VAL B 284 -10.27 -28.21 -8.59
C VAL B 284 -10.64 -28.66 -9.99
N THR B 285 -10.76 -29.98 -10.19
CA THR B 285 -11.35 -30.54 -11.41
C THR B 285 -11.94 -31.93 -11.12
N ASP C 2 13.30 -17.48 4.91
CA ASP C 2 12.25 -16.60 4.44
C ASP C 2 11.10 -16.56 5.43
N PRO C 3 10.82 -15.36 5.97
CA PRO C 3 9.75 -15.25 6.97
C PRO C 3 8.38 -15.57 6.42
N GLU C 4 8.17 -15.43 5.13
CA GLU C 4 6.85 -15.57 4.53
C GLU C 4 6.57 -16.98 4.02
N THR C 5 7.50 -17.58 3.28
CA THR C 5 7.28 -18.90 2.71
C THR C 5 7.96 -20.02 3.49
N GLY C 6 8.90 -19.68 4.37
CA GLY C 6 9.64 -20.67 5.12
C GLY C 6 10.86 -21.23 4.43
N GLU C 7 10.99 -21.03 3.12
CA GLU C 7 12.10 -21.60 2.35
C GLU C 7 13.46 -21.06 2.78
#